data_9QFR
#
_entry.id   9QFR
#
_cell.length_a   41.780
_cell.length_b   44.480
_cell.length_c   213.660
_cell.angle_alpha   90.000
_cell.angle_beta   90.000
_cell.angle_gamma   90.000
#
_symmetry.space_group_name_H-M   'P 21 21 21'
#
loop_
_entity.id
_entity.type
_entity.pdbx_description
1 polymer 'Peptide deformylase 1'
2 non-polymer 'NICKEL (II) ION'
3 non-polymer ACTINONIN
4 water water
#
_entity_poly.entity_id   1
_entity_poly.type   'polypeptide(L)'
_entity_poly.pdbx_seq_one_letter_code
;MHHHHHHGSGSGSSVLQVLTFPDDRLRTVAKPVEQVTPEIQQIVDDMLETMYAEEGIGLAATQVDIHQRIVVIDISETRD
QPMVLINPEIIEKRGEDGIEEGCLSVPGARALVPRAAEVTVKALDRNGQEYQFDADDLLAICVQHELDHLAGKLFVDYLS
PLKRNRIKEKLEKIKRFNEKK
;
_entity_poly.pdbx_strand_id   A,B
#
loop_
_chem_comp.id
_chem_comp.type
_chem_comp.name
_chem_comp.formula
BB2 non-polymer ACTINONIN 'C19 H35 N3 O5'
NI non-polymer 'NICKEL (II) ION' 'Ni 2'
#
# COMPACT_ATOMS: atom_id res chain seq x y z
N GLY A 12 -18.96 6.95 -6.36
CA GLY A 12 -19.45 6.34 -5.14
C GLY A 12 -19.09 7.13 -3.90
N SER A 13 -18.46 8.28 -4.08
CA SER A 13 -18.00 9.07 -2.95
C SER A 13 -18.37 10.54 -3.15
N SER A 14 -18.19 11.31 -2.08
CA SER A 14 -18.57 12.71 -2.08
C SER A 14 -17.47 13.56 -1.48
N VAL A 15 -17.41 14.80 -1.92
CA VAL A 15 -16.54 15.78 -1.31
C VAL A 15 -17.21 16.27 -0.04
N LEU A 16 -16.43 16.34 1.04
CA LEU A 16 -16.92 16.77 2.34
C LEU A 16 -16.45 18.17 2.64
N GLN A 17 -17.19 18.83 3.54
CA GLN A 17 -16.83 20.16 4.01
C GLN A 17 -15.60 20.10 4.91
N VAL A 18 -14.62 20.96 4.62
CA VAL A 18 -13.40 21.05 5.41
C VAL A 18 -13.59 22.17 6.43
N LEU A 19 -13.41 21.83 7.71
CA LEU A 19 -13.49 22.82 8.78
C LEU A 19 -12.26 23.73 8.74
N THR A 20 -12.46 24.97 9.16
CA THR A 20 -11.36 25.93 9.14
C THR A 20 -11.19 26.60 10.50
N PHE A 21 -9.93 26.85 10.82
CA PHE A 21 -9.55 27.57 12.02
C PHE A 21 -10.25 28.92 12.03
N PRO A 22 -10.82 29.35 13.17
CA PRO A 22 -10.80 28.76 14.53
C PRO A 22 -11.90 27.80 14.99
N ASP A 23 -12.42 26.94 14.14
CA ASP A 23 -13.50 26.04 14.52
C ASP A 23 -13.07 25.10 15.66
N ASP A 24 -13.81 25.16 16.78
CA ASP A 24 -13.46 24.33 17.93
C ASP A 24 -13.46 22.84 17.60
N ARG A 25 -14.21 22.40 16.58
CA ARG A 25 -14.22 20.98 16.27
C ARG A 25 -12.86 20.49 15.78
N LEU A 26 -12.01 21.39 15.28
CA LEU A 26 -10.67 21.02 14.89
C LEU A 26 -9.78 20.67 16.07
N ARG A 27 -10.22 20.97 17.29
CA ARG A 27 -9.44 20.65 18.48
C ARG A 27 -9.83 19.31 19.09
N THR A 28 -10.81 18.62 18.51
CA THR A 28 -11.27 17.36 19.05
C THR A 28 -10.19 16.31 18.87
N VAL A 29 -9.92 15.53 19.90
CA VAL A 29 -8.96 14.44 19.80
C VAL A 29 -9.67 13.21 19.25
N ALA A 30 -9.17 12.69 18.13
CA ALA A 30 -9.84 11.59 17.45
C ALA A 30 -9.71 10.30 18.24
N LYS A 31 -10.77 9.48 18.20
CA LYS A 31 -10.75 8.15 18.79
C LYS A 31 -10.23 7.12 17.79
N PRO A 32 -9.60 6.05 18.26
CA PRO A 32 -9.22 4.98 17.35
C PRO A 32 -10.43 4.40 16.64
N VAL A 33 -10.22 3.99 15.40
CA VAL A 33 -11.22 3.21 14.69
C VAL A 33 -11.33 1.85 15.35
N GLU A 34 -12.57 1.38 15.54
CA GLU A 34 -12.75 0.10 16.23
C GLU A 34 -12.56 -1.07 15.29
N GLN A 35 -13.23 -1.03 14.14
CA GLN A 35 -13.21 -2.07 13.12
C GLN A 35 -13.27 -1.38 11.77
N VAL A 36 -12.61 -1.94 10.76
CA VAL A 36 -12.66 -1.35 9.41
C VAL A 36 -13.90 -1.92 8.71
N THR A 37 -15.01 -1.21 8.87
CA THR A 37 -16.33 -1.55 8.35
C THR A 37 -16.53 -0.88 7.00
N PRO A 38 -17.59 -1.25 6.26
CA PRO A 38 -17.91 -0.46 5.05
C PRO A 38 -18.12 1.01 5.35
N GLU A 39 -18.63 1.35 6.52
CA GLU A 39 -18.79 2.76 6.89
C GLU A 39 -17.45 3.46 6.97
N ILE A 40 -16.44 2.81 7.57
CA ILE A 40 -15.11 3.40 7.60
C ILE A 40 -14.55 3.54 6.21
N GLN A 41 -14.77 2.53 5.36
CA GLN A 41 -14.24 2.61 4.00
C GLN A 41 -14.89 3.73 3.23
N GLN A 42 -16.16 4.01 3.50
CA GLN A 42 -16.82 5.14 2.86
C GLN A 42 -16.20 6.45 3.31
N ILE A 43 -15.90 6.57 4.60
CA ILE A 43 -15.22 7.77 5.08
C ILE A 43 -13.89 7.95 4.36
N VAL A 44 -13.11 6.86 4.26
CA VAL A 44 -11.83 6.91 3.55
C VAL A 44 -12.04 7.40 2.12
N ASP A 45 -13.02 6.82 1.43
CA ASP A 45 -13.26 7.22 0.05
C ASP A 45 -13.67 8.68 -0.05
N ASP A 46 -14.53 9.14 0.87
CA ASP A 46 -14.93 10.55 0.86
C ASP A 46 -13.75 11.46 1.16
N MET A 47 -12.85 11.01 2.05
CA MET A 47 -11.69 11.83 2.36
C MET A 47 -10.76 11.94 1.16
N LEU A 48 -10.55 10.83 0.45
CA LEU A 48 -9.76 10.88 -0.78
C LEU A 48 -10.39 11.86 -1.77
N GLU A 49 -11.70 11.73 -2.03
CA GLU A 49 -12.40 12.63 -2.94
C GLU A 49 -12.20 14.08 -2.53
N THR A 50 -12.27 14.34 -1.21
CA THR A 50 -12.12 15.68 -0.67
C THR A 50 -10.70 16.21 -0.87
N MET A 51 -9.72 15.38 -0.52
CA MET A 51 -8.31 15.75 -0.72
C MET A 51 -8.04 16.13 -2.17
N TYR A 52 -8.55 15.33 -3.11
CA TYR A 52 -8.28 15.55 -4.52
C TYR A 52 -9.02 16.77 -5.08
N ALA A 53 -10.16 17.13 -4.49
CA ALA A 53 -10.94 18.24 -5.00
C ALA A 53 -10.16 19.55 -4.96
N GLU A 54 -9.04 19.55 -4.27
CA GLU A 54 -8.22 20.71 -4.03
CA GLU A 54 -8.21 20.73 -4.12
C GLU A 54 -6.76 20.33 -4.26
N GLU A 55 -5.92 21.32 -4.56
CA GLU A 55 -4.50 21.08 -4.38
C GLU A 55 -4.28 20.70 -2.91
N GLY A 56 -3.73 19.52 -2.68
CA GLY A 56 -3.40 19.13 -1.33
C GLY A 56 -2.96 17.69 -1.30
N ILE A 57 -2.09 17.35 -0.36
CA ILE A 57 -1.44 16.05 -0.34
C ILE A 57 -1.85 15.18 0.82
N GLY A 58 -2.75 15.62 1.70
CA GLY A 58 -3.21 14.73 2.75
C GLY A 58 -4.43 15.31 3.43
N LEU A 59 -5.10 14.47 4.21
CA LEU A 59 -6.26 14.92 4.95
C LEU A 59 -6.45 14.04 6.16
N ALA A 60 -6.87 14.64 7.26
CA ALA A 60 -7.18 13.92 8.49
C ALA A 60 -8.69 13.98 8.73
N ALA A 61 -9.26 12.91 9.28
CA ALA A 61 -10.72 12.88 9.42
C ALA A 61 -11.23 14.04 10.27
N THR A 62 -10.44 14.48 11.27
CA THR A 62 -10.82 15.61 12.11
C THR A 62 -11.21 16.83 11.29
N GLN A 63 -10.51 17.04 10.17
CA GLN A 63 -10.75 18.21 9.33
C GLN A 63 -12.09 18.18 8.63
N VAL A 64 -12.73 17.01 8.51
CA VAL A 64 -14.07 16.93 7.92
C VAL A 64 -15.08 16.55 9.01
N ASP A 65 -14.76 16.88 10.26
CA ASP A 65 -15.65 16.71 11.41
C ASP A 65 -15.97 15.24 11.67
N ILE A 66 -14.98 14.36 11.45
CA ILE A 66 -15.12 12.93 11.73
C ILE A 66 -14.00 12.61 12.69
N HIS A 67 -14.34 12.27 13.92
CA HIS A 67 -13.35 12.28 14.98
C HIS A 67 -12.88 10.88 15.30
N GLN A 68 -12.33 10.28 14.24
CA GLN A 68 -11.73 8.97 14.30
C GLN A 68 -10.38 9.05 13.61
N ARG A 69 -9.47 8.14 14.00
CA ARG A 69 -8.08 8.22 13.56
C ARG A 69 -7.95 7.63 12.16
N ILE A 70 -8.26 8.47 11.16
CA ILE A 70 -8.21 8.12 9.75
C ILE A 70 -7.47 9.24 9.03
N VAL A 71 -6.48 8.88 8.24
CA VAL A 71 -5.71 9.84 7.45
C VAL A 71 -5.57 9.29 6.04
N VAL A 72 -5.65 10.17 5.06
CA VAL A 72 -5.34 9.77 3.69
C VAL A 72 -4.26 10.70 3.19
N ILE A 73 -3.40 10.18 2.31
CA ILE A 73 -2.24 10.92 1.82
C ILE A 73 -2.04 10.60 0.35
N ASP A 74 -1.68 11.61 -0.43
CA ASP A 74 -1.13 11.34 -1.76
C ASP A 74 -0.17 12.49 -2.07
N ILE A 75 1.14 12.20 -1.98
CA ILE A 75 2.12 13.24 -2.26
C ILE A 75 2.59 13.22 -3.70
N SER A 76 2.05 12.35 -4.55
CA SER A 76 2.53 12.20 -5.91
C SER A 76 2.08 13.36 -6.80
N GLU A 77 2.95 13.71 -7.76
CA GLU A 77 2.60 14.74 -8.72
C GLU A 77 1.41 14.33 -9.58
N THR A 78 1.29 13.02 -9.85
CA THR A 78 0.23 12.50 -10.71
C THR A 78 -1.08 12.27 -9.98
N ARG A 79 -1.10 12.44 -8.66
CA ARG A 79 -2.31 12.31 -7.84
C ARG A 79 -2.98 10.95 -8.01
N ASP A 80 -2.18 9.90 -8.19
CA ASP A 80 -2.71 8.56 -8.32
C ASP A 80 -1.92 7.58 -7.48
N GLN A 81 -1.36 8.04 -6.37
CA GLN A 81 -0.61 7.17 -5.45
C GLN A 81 -1.13 7.32 -4.04
N PRO A 82 -2.43 7.10 -3.82
CA PRO A 82 -3.01 7.33 -2.49
C PRO A 82 -2.53 6.30 -1.47
N MET A 83 -2.47 6.76 -0.23
CA MET A 83 -2.09 5.96 0.91
C MET A 83 -3.17 6.16 1.96
N VAL A 84 -3.61 5.07 2.60
CA VAL A 84 -4.65 5.14 3.62
C VAL A 84 -4.05 4.69 4.94
N LEU A 85 -4.21 5.51 5.98
CA LEU A 85 -3.69 5.24 7.31
C LEU A 85 -4.83 5.26 8.32
N ILE A 86 -5.28 4.08 8.72
CA ILE A 86 -6.26 3.95 9.79
C ILE A 86 -5.51 3.58 11.06
N ASN A 87 -5.84 4.26 12.16
CA ASN A 87 -5.13 4.11 13.43
C ASN A 87 -3.62 4.22 13.28
N PRO A 88 -3.12 5.25 12.60
CA PRO A 88 -1.68 5.38 12.45
C PRO A 88 -1.01 5.65 13.79
N GLU A 89 0.20 5.12 13.93
CA GLU A 89 1.04 5.38 15.09
C GLU A 89 2.45 5.63 14.60
N ILE A 90 3.06 6.73 15.05
CA ILE A 90 4.48 6.94 14.80
C ILE A 90 5.23 6.15 15.88
N ILE A 91 5.97 5.12 15.46
CA ILE A 91 6.70 4.29 16.41
C ILE A 91 8.18 4.62 16.51
N GLU A 92 8.72 5.45 15.61
CA GLU A 92 10.05 6.00 15.79
C GLU A 92 10.16 7.30 15.01
N LYS A 93 10.92 8.24 15.55
CA LYS A 93 11.23 9.51 14.89
C LYS A 93 12.74 9.62 14.81
N ARG A 94 13.25 10.16 13.71
CA ARG A 94 14.67 10.42 13.60
C ARG A 94 14.90 11.77 12.92
N GLY A 95 15.91 12.50 13.38
CA GLY A 95 16.36 13.67 12.65
C GLY A 95 15.47 14.89 12.78
N GLU A 96 15.91 15.95 12.12
CA GLU A 96 15.21 17.22 12.12
C GLU A 96 15.01 17.67 10.67
N ASP A 97 13.83 18.20 10.39
CA ASP A 97 13.54 18.77 9.09
C ASP A 97 12.51 19.86 9.33
N GLY A 98 12.21 20.60 8.29
CA GLY A 98 11.16 21.57 8.44
C GLY A 98 10.97 22.29 7.14
N ILE A 99 9.72 22.39 6.69
CA ILE A 99 9.42 23.10 5.46
C ILE A 99 8.30 24.09 5.72
N GLU A 100 8.09 24.96 4.75
CA GLU A 100 6.93 25.84 4.80
C GLU A 100 5.68 25.00 4.54
N GLU A 101 4.74 25.03 5.48
CA GLU A 101 3.53 24.24 5.36
C GLU A 101 2.32 25.15 5.22
N GLY A 102 1.35 24.66 4.46
CA GLY A 102 0.01 25.20 4.48
C GLY A 102 -0.96 24.10 4.90
N CYS A 103 -2.22 24.47 5.09
CA CYS A 103 -3.22 23.56 5.64
C CYS A 103 -4.57 23.92 5.07
N LEU A 104 -5.33 22.91 4.62
CA LEU A 104 -6.69 23.18 4.12
C LEU A 104 -7.58 23.77 5.21
N SER A 105 -7.27 23.49 6.47
CA SER A 105 -8.04 24.06 7.57
C SER A 105 -7.51 25.41 8.03
N VAL A 106 -6.43 25.90 7.43
CA VAL A 106 -5.99 27.27 7.68
C VAL A 106 -5.69 27.89 6.32
N PRO A 107 -6.68 28.03 5.44
CA PRO A 107 -6.37 28.37 4.06
C PRO A 107 -5.69 29.72 3.92
N GLY A 108 -4.66 29.75 3.08
CA GLY A 108 -3.97 30.97 2.75
C GLY A 108 -2.75 31.26 3.60
N ALA A 109 -2.61 30.60 4.74
CA ALA A 109 -1.52 30.84 5.67
C ALA A 109 -0.42 29.84 5.40
N ARG A 110 0.83 30.29 5.57
CA ARG A 110 1.97 29.39 5.37
C ARG A 110 3.03 29.71 6.40
N ALA A 111 3.67 28.67 6.93
CA ALA A 111 4.73 28.92 7.90
C ALA A 111 5.63 27.69 8.00
N LEU A 112 6.88 27.95 8.37
CA LEU A 112 7.83 26.89 8.68
C LEU A 112 7.43 26.18 9.97
N VAL A 113 7.40 24.86 9.94
CA VAL A 113 7.09 24.02 11.10
C VAL A 113 8.26 23.07 11.34
N PRO A 114 8.94 23.12 12.49
CA PRO A 114 9.98 22.13 12.77
C PRO A 114 9.35 20.76 13.00
N ARG A 115 9.93 19.74 12.36
CA ARG A 115 9.41 18.39 12.41
C ARG A 115 10.55 17.39 12.53
N ALA A 116 10.20 16.13 12.76
CA ALA A 116 11.18 15.08 12.59
C ALA A 116 11.45 14.85 11.10
N ALA A 117 12.69 14.50 10.77
CA ALA A 117 13.03 14.24 9.37
C ALA A 117 12.48 12.91 8.88
N GLU A 118 12.47 11.91 9.74
CA GLU A 118 12.09 10.55 9.38
C GLU A 118 11.14 10.01 10.42
N VAL A 119 10.15 9.25 9.99
CA VAL A 119 9.25 8.58 10.92
C VAL A 119 9.04 7.16 10.44
N THR A 120 8.88 6.26 11.39
CA THR A 120 8.35 4.92 11.13
C THR A 120 6.91 4.90 11.61
N VAL A 121 6.00 4.51 10.73
CA VAL A 121 4.57 4.59 10.98
C VAL A 121 3.97 3.21 10.84
N LYS A 122 3.10 2.83 11.78
CA LYS A 122 2.31 1.62 11.66
C LYS A 122 0.84 2.01 11.55
N ALA A 123 0.08 1.29 10.71
CA ALA A 123 -1.30 1.67 10.46
C ALA A 123 -2.03 0.48 9.88
N LEU A 124 -3.35 0.64 9.74
CA LEU A 124 -4.16 -0.28 8.94
C LEU A 124 -4.47 0.39 7.61
N ASP A 125 -4.49 -0.39 6.54
CA ASP A 125 -4.86 0.17 5.24
C ASP A 125 -6.38 0.18 5.12
N ARG A 126 -6.90 0.56 3.95
CA ARG A 126 -8.34 0.67 3.74
C ARG A 126 -9.07 -0.64 3.97
N ASN A 127 -8.39 -1.76 3.83
CA ASN A 127 -9.03 -3.06 3.99
C ASN A 127 -8.73 -3.68 5.33
N GLY A 128 -8.15 -2.92 6.26
CA GLY A 128 -7.86 -3.44 7.57
C GLY A 128 -6.57 -4.20 7.68
N GLN A 129 -5.72 -4.19 6.65
CA GLN A 129 -4.46 -4.90 6.70
C GLN A 129 -3.41 -4.03 7.38
N GLU A 130 -2.80 -4.56 8.45
CA GLU A 130 -1.73 -3.85 9.13
C GLU A 130 -0.50 -3.72 8.24
N TYR A 131 0.16 -2.58 8.34
CA TYR A 131 1.42 -2.41 7.63
C TYR A 131 2.24 -1.33 8.33
N GLN A 132 3.49 -1.22 7.90
CA GLN A 132 4.38 -0.26 8.51
C GLN A 132 5.32 0.25 7.43
N PHE A 133 5.79 1.49 7.58
CA PHE A 133 6.72 2.00 6.59
C PHE A 133 7.60 3.06 7.23
N ASP A 134 8.79 3.22 6.68
CA ASP A 134 9.69 4.30 7.04
C ASP A 134 9.53 5.43 6.02
N ALA A 135 9.27 6.64 6.50
CA ALA A 135 9.06 7.77 5.63
C ALA A 135 10.11 8.84 5.89
N ASP A 136 10.49 9.56 4.84
CA ASP A 136 11.30 10.75 4.97
C ASP A 136 10.75 11.83 4.05
N ASP A 137 11.43 12.98 4.04
CA ASP A 137 11.11 14.10 3.18
C ASP A 137 9.63 14.43 3.27
N LEU A 138 8.96 14.66 2.13
CA LEU A 138 7.62 15.22 2.17
C LEU A 138 6.63 14.26 2.83
N LEU A 139 6.77 12.95 2.57
CA LEU A 139 5.86 11.99 3.20
C LEU A 139 5.96 12.06 4.72
N ALA A 140 7.19 12.12 5.26
CA ALA A 140 7.34 12.17 6.71
C ALA A 140 6.73 13.44 7.29
N ILE A 141 6.93 14.57 6.61
CA ILE A 141 6.35 15.82 7.09
C ILE A 141 4.84 15.76 7.02
N CYS A 142 4.29 15.25 5.91
CA CYS A 142 2.84 15.17 5.78
C CYS A 142 2.23 14.27 6.85
N VAL A 143 2.86 13.12 7.10
CA VAL A 143 2.34 12.23 8.15
C VAL A 143 2.25 12.96 9.47
N GLN A 144 3.31 13.72 9.81
CA GLN A 144 3.31 14.40 11.10
C GLN A 144 2.24 15.48 11.16
N HIS A 145 2.06 16.22 10.06
CA HIS A 145 1.01 17.23 9.98
C HIS A 145 -0.37 16.61 10.16
N GLU A 146 -0.60 15.45 9.51
CA GLU A 146 -1.93 14.84 9.62
C GLU A 146 -2.15 14.25 11.00
N LEU A 147 -1.13 13.60 11.58
CA LEU A 147 -1.33 13.06 12.91
C LEU A 147 -1.54 14.17 13.93
N ASP A 148 -0.90 15.33 13.75
CA ASP A 148 -1.20 16.48 14.60
C ASP A 148 -2.68 16.81 14.57
N HIS A 149 -3.28 16.83 13.37
CA HIS A 149 -4.73 17.08 13.28
C HIS A 149 -5.53 16.13 14.16
N LEU A 150 -5.18 14.83 14.16
CA LEU A 150 -5.92 13.86 14.95
C LEU A 150 -5.79 14.12 16.44
N ALA A 151 -4.73 14.82 16.86
CA ALA A 151 -4.53 15.24 18.23
C ALA A 151 -5.13 16.61 18.53
N GLY A 152 -5.87 17.18 17.57
CA GLY A 152 -6.43 18.49 17.76
C GLY A 152 -5.45 19.63 17.58
N LYS A 153 -4.34 19.39 16.88
CA LYS A 153 -3.26 20.35 16.74
C LYS A 153 -3.17 20.85 15.30
N LEU A 154 -3.00 22.16 15.16
CA LEU A 154 -2.89 22.84 13.87
C LEU A 154 -1.50 23.44 13.75
N PHE A 155 -1.05 23.66 12.51
CA PHE A 155 0.33 24.12 12.37
C PHE A 155 0.51 25.51 12.95
N VAL A 156 -0.58 26.29 13.03
CA VAL A 156 -0.51 27.62 13.63
C VAL A 156 -0.17 27.55 15.11
N ASP A 157 -0.33 26.37 15.73
CA ASP A 157 0.03 26.22 17.13
C ASP A 157 1.53 26.30 17.34
N TYR A 158 2.32 26.16 16.28
CA TYR A 158 3.77 26.31 16.36
C TYR A 158 4.23 27.75 16.20
N LEU A 159 3.32 28.66 15.91
CA LEU A 159 3.63 30.05 15.65
C LEU A 159 3.47 30.89 16.90
N SER A 160 3.92 32.15 16.83
CA SER A 160 3.71 33.06 17.94
C SER A 160 2.23 33.37 18.11
N PRO A 161 1.80 33.72 19.31
CA PRO A 161 0.39 34.15 19.50
C PRO A 161 -0.02 35.26 18.55
N LEU A 162 0.82 36.25 18.35
CA LEU A 162 0.48 37.35 17.46
C LEU A 162 0.23 36.83 16.04
N LYS A 163 1.16 36.04 15.51
CA LYS A 163 0.98 35.59 14.13
C LYS A 163 -0.25 34.71 14.01
N ARG A 164 -0.45 33.82 14.97
CA ARG A 164 -1.63 32.95 14.94
C ARG A 164 -2.93 33.76 15.06
N ASN A 165 -2.95 34.73 15.97
CA ASN A 165 -4.16 35.52 16.17
C ASN A 165 -4.50 36.35 14.93
N ARG A 166 -3.49 36.89 14.24
CA ARG A 166 -3.76 37.63 13.02
C ARG A 166 -4.35 36.72 11.97
N ILE A 167 -3.82 35.51 11.84
CA ILE A 167 -4.40 34.54 10.91
C ILE A 167 -5.83 34.24 11.29
N LYS A 168 -6.07 34.03 12.59
CA LYS A 168 -7.42 33.72 13.07
C LYS A 168 -8.40 34.82 12.68
N GLU A 169 -8.01 36.08 12.91
CA GLU A 169 -8.91 37.20 12.63
C GLU A 169 -9.19 37.31 11.14
N LYS A 170 -8.18 37.06 10.30
CA LYS A 170 -8.36 37.14 8.86
C LYS A 170 -9.33 36.07 8.39
N LEU A 171 -9.24 34.87 8.96
CA LEU A 171 -10.12 33.78 8.52
C LEU A 171 -11.54 34.01 9.01
N GLU A 172 -11.69 34.58 10.22
CA GLU A 172 -13.02 34.93 10.70
C GLU A 172 -13.67 35.97 9.79
N LYS A 173 -12.89 36.94 9.30
CA LYS A 173 -13.45 37.98 8.43
C LYS A 173 -13.99 37.38 7.13
N ILE A 174 -13.32 36.35 6.61
CA ILE A 174 -13.74 35.71 5.36
C ILE A 174 -15.10 35.04 5.51
N LYS A 175 -15.41 34.52 6.70
CA LYS A 175 -16.65 33.80 6.93
C LYS A 175 -17.66 34.61 7.73
N ARG A 176 -17.44 35.93 7.84
CA ARG A 176 -18.24 36.73 8.77
C ARG A 176 -19.70 36.81 8.36
N PHE A 177 -20.04 36.50 7.10
CA PHE A 177 -21.44 36.51 6.68
C PHE A 177 -22.03 35.12 6.53
N ASN A 178 -21.30 34.08 6.92
CA ASN A 178 -21.83 32.73 6.81
C ASN A 178 -22.95 32.49 7.81
N GLU A 179 -23.87 31.61 7.45
CA GLU A 179 -25.05 31.29 8.26
C GLU A 179 -25.85 32.52 8.66
N GLY B 12 -2.78 1.56 -20.94
CA GLY B 12 -1.36 1.89 -20.90
C GLY B 12 -0.46 0.72 -20.60
N SER B 13 -1.05 -0.48 -20.46
CA SER B 13 -0.31 -1.69 -20.12
C SER B 13 -0.78 -2.83 -21.03
N SER B 14 -0.02 -3.93 -21.03
CA SER B 14 -0.29 -5.07 -21.88
C SER B 14 -0.10 -6.38 -21.10
N VAL B 15 -0.83 -7.41 -21.51
CA VAL B 15 -0.68 -8.75 -20.96
C VAL B 15 0.56 -9.43 -21.52
N LEU B 16 1.25 -10.18 -20.66
CA LEU B 16 2.45 -10.93 -21.00
C LEU B 16 2.13 -12.41 -21.09
N GLN B 17 2.96 -13.14 -21.83
CA GLN B 17 2.83 -14.60 -21.92
C GLN B 17 3.33 -15.25 -20.65
N VAL B 18 2.53 -16.16 -20.10
CA VAL B 18 2.87 -16.89 -18.87
C VAL B 18 3.51 -18.23 -19.22
N LEU B 19 4.68 -18.48 -18.63
CA LEU B 19 5.42 -19.73 -18.82
C LEU B 19 4.77 -20.89 -18.08
N THR B 20 4.93 -22.10 -18.61
CA THR B 20 4.33 -23.30 -18.02
C THR B 20 5.35 -24.42 -17.84
N PHE B 21 5.22 -25.14 -16.72
CA PHE B 21 6.03 -26.31 -16.41
C PHE B 21 5.78 -27.42 -17.43
N PRO B 22 6.83 -28.07 -17.96
CA PRO B 22 8.24 -27.83 -17.67
C PRO B 22 8.85 -26.80 -18.62
N ASP B 23 9.69 -25.94 -18.05
CA ASP B 23 10.36 -24.86 -18.77
C ASP B 23 11.50 -24.41 -17.89
N ASP B 24 12.73 -24.51 -18.40
CA ASP B 24 13.90 -24.18 -17.58
C ASP B 24 13.88 -22.72 -17.12
N ARG B 25 13.23 -21.83 -17.88
CA ARG B 25 13.19 -20.43 -17.49
C ARG B 25 12.42 -20.23 -16.19
N LEU B 26 11.51 -21.13 -15.84
CA LEU B 26 10.82 -21.08 -14.56
C LEU B 26 11.73 -21.46 -13.39
N ARG B 27 12.91 -22.02 -13.67
CA ARG B 27 13.87 -22.35 -12.61
C ARG B 27 14.87 -21.23 -12.39
N THR B 28 14.80 -20.14 -13.16
CA THR B 28 15.75 -19.05 -13.01
C THR B 28 15.54 -18.32 -11.70
N VAL B 29 16.64 -18.05 -11.00
CA VAL B 29 16.60 -17.28 -9.75
C VAL B 29 16.61 -15.80 -10.09
N ALA B 30 15.59 -15.09 -9.66
CA ALA B 30 15.43 -13.69 -10.03
C ALA B 30 16.46 -12.84 -9.31
N LYS B 31 16.93 -11.80 -10.02
CA LYS B 31 17.85 -10.82 -9.43
C LYS B 31 17.08 -9.71 -8.75
N PRO B 32 17.63 -9.10 -7.69
CA PRO B 32 16.97 -7.93 -7.11
C PRO B 32 16.79 -6.82 -8.13
N VAL B 33 15.68 -6.08 -7.99
CA VAL B 33 15.50 -4.83 -8.74
C VAL B 33 16.47 -3.79 -8.17
N GLU B 34 17.15 -3.05 -9.04
CA GLU B 34 18.11 -2.06 -8.59
C GLU B 34 17.49 -0.71 -8.31
N GLN B 35 16.68 -0.22 -9.25
CA GLN B 35 16.02 1.07 -9.18
C GLN B 35 14.60 0.87 -9.66
N VAL B 36 13.65 1.55 -9.01
CA VAL B 36 12.26 1.46 -9.44
C VAL B 36 12.08 2.55 -10.49
N THR B 37 12.37 2.18 -11.72
CA THR B 37 12.33 3.07 -12.89
C THR B 37 10.96 3.01 -13.51
N PRO B 38 10.66 3.90 -14.46
CA PRO B 38 9.44 3.73 -15.25
C PRO B 38 9.38 2.39 -15.96
N GLU B 39 10.54 1.84 -16.35
CA GLU B 39 10.58 0.53 -16.98
C GLU B 39 10.09 -0.55 -16.01
N ILE B 40 10.53 -0.48 -14.75
CA ILE B 40 10.04 -1.41 -13.73
C ILE B 40 8.56 -1.22 -13.49
N GLN B 41 8.11 0.04 -13.45
CA GLN B 41 6.70 0.30 -13.21
C GLN B 41 5.83 -0.21 -14.35
N GLN B 42 6.33 -0.17 -15.59
CA GLN B 42 5.60 -0.76 -16.71
C GLN B 42 5.48 -2.26 -16.55
N ILE B 43 6.56 -2.93 -16.12
CA ILE B 43 6.49 -4.36 -15.87
C ILE B 43 5.43 -4.66 -14.81
N VAL B 44 5.42 -3.88 -13.73
CA VAL B 44 4.41 -4.07 -12.69
C VAL B 44 3.01 -3.97 -13.26
N ASP B 45 2.75 -2.92 -14.05
CA ASP B 45 1.42 -2.74 -14.63
C ASP B 45 1.05 -3.87 -15.56
N ASP B 46 2.02 -4.32 -16.38
CA ASP B 46 1.76 -5.44 -17.27
C ASP B 46 1.49 -6.72 -16.51
N MET B 47 2.21 -6.95 -15.40
CA MET B 47 2.00 -8.16 -14.60
C MET B 47 0.63 -8.15 -13.93
N LEU B 48 0.21 -7.00 -13.37
CA LEU B 48 -1.14 -6.91 -12.83
C LEU B 48 -2.17 -7.25 -13.90
N GLU B 49 -2.05 -6.63 -15.07
CA GLU B 49 -2.98 -6.92 -16.15
C GLU B 49 -2.97 -8.40 -16.51
N THR B 50 -1.78 -9.02 -16.51
CA THR B 50 -1.67 -10.44 -16.81
C THR B 50 -2.31 -11.28 -15.72
N MET B 51 -2.00 -10.97 -14.45
CA MET B 51 -2.59 -11.69 -13.33
C MET B 51 -4.10 -11.72 -13.43
N TYR B 52 -4.70 -10.56 -13.69
CA TYR B 52 -6.16 -10.51 -13.72
C TYR B 52 -6.70 -11.23 -14.95
N ALA B 53 -6.01 -11.12 -16.08
CA ALA B 53 -6.47 -11.77 -17.30
C ALA B 53 -6.46 -13.28 -17.15
N GLU B 54 -5.45 -13.81 -16.46
CA GLU B 54 -5.33 -15.24 -16.21
C GLU B 54 -6.14 -15.70 -15.01
N GLU B 55 -6.75 -14.77 -14.28
CA GLU B 55 -7.61 -15.07 -13.13
C GLU B 55 -6.82 -15.74 -12.01
N GLY B 56 -5.61 -15.25 -11.79
CA GLY B 56 -4.78 -15.65 -10.68
C GLY B 56 -4.84 -14.61 -9.59
N ILE B 57 -4.38 -14.98 -8.39
CA ILE B 57 -4.37 -14.07 -7.26
C ILE B 57 -2.97 -13.57 -6.94
N GLY B 58 -1.99 -13.99 -7.72
CA GLY B 58 -0.65 -13.45 -7.62
C GLY B 58 0.11 -13.86 -8.86
N LEU B 59 1.24 -13.18 -9.08
CA LEU B 59 2.10 -13.48 -10.21
C LEU B 59 3.49 -13.00 -9.87
N ALA B 60 4.49 -13.79 -10.26
CA ALA B 60 5.88 -13.45 -10.08
C ALA B 60 6.49 -13.17 -11.45
N ALA B 61 7.43 -12.22 -11.48
CA ALA B 61 8.01 -11.81 -12.75
C ALA B 61 8.64 -12.98 -13.48
N THR B 62 9.18 -13.95 -12.73
CA THR B 62 9.77 -15.15 -13.32
C THR B 62 8.79 -15.83 -14.26
N GLN B 63 7.51 -15.84 -13.90
CA GLN B 63 6.50 -16.54 -14.70
C GLN B 63 6.26 -15.89 -16.05
N VAL B 64 6.64 -14.62 -16.22
CA VAL B 64 6.49 -13.97 -17.52
C VAL B 64 7.87 -13.70 -18.12
N ASP B 65 8.85 -14.51 -17.72
CA ASP B 65 10.19 -14.49 -18.31
C ASP B 65 10.92 -13.17 -18.02
N ILE B 66 10.66 -12.60 -16.85
CA ILE B 66 11.34 -11.40 -16.38
C ILE B 66 11.98 -11.78 -15.06
N HIS B 67 13.30 -11.81 -15.03
CA HIS B 67 13.99 -12.47 -13.93
C HIS B 67 14.52 -11.44 -12.94
N GLN B 68 13.55 -10.68 -12.43
CA GLN B 68 13.75 -9.68 -11.40
C GLN B 68 12.72 -9.92 -10.30
N ARG B 69 13.07 -9.50 -9.08
CA ARG B 69 12.26 -9.83 -7.90
C ARG B 69 11.09 -8.85 -7.83
N ILE B 70 10.05 -9.18 -8.61
CA ILE B 70 8.82 -8.40 -8.67
C ILE B 70 7.66 -9.38 -8.53
N VAL B 71 6.74 -9.06 -7.62
CA VAL B 71 5.55 -9.87 -7.39
C VAL B 71 4.36 -8.92 -7.33
N VAL B 72 3.24 -9.33 -7.92
CA VAL B 72 1.99 -8.62 -7.74
C VAL B 72 0.98 -9.61 -7.19
N ILE B 73 0.06 -9.10 -6.38
CA ILE B 73 -0.91 -9.94 -5.66
C ILE B 73 -2.25 -9.22 -5.62
N ASP B 74 -3.33 -9.97 -5.79
CA ASP B 74 -4.64 -9.47 -5.37
C ASP B 74 -5.46 -10.70 -4.95
N ILE B 75 -5.63 -10.88 -3.64
CA ILE B 75 -6.39 -12.03 -3.15
C ILE B 75 -7.86 -11.70 -2.93
N SER B 76 -8.29 -10.47 -3.23
CA SER B 76 -9.66 -10.08 -2.96
C SER B 76 -10.63 -10.67 -3.98
N GLU B 77 -11.82 -11.03 -3.51
CA GLU B 77 -12.85 -11.50 -4.43
C GLU B 77 -13.28 -10.40 -5.40
N THR B 78 -13.18 -9.15 -4.97
CA THR B 78 -13.61 -8.02 -5.79
C THR B 78 -12.57 -7.62 -6.83
N ARG B 79 -11.38 -8.24 -6.79
CA ARG B 79 -10.32 -8.02 -7.77
C ARG B 79 -9.94 -6.54 -7.87
N ASP B 80 -10.02 -5.82 -6.75
CA ASP B 80 -9.68 -4.40 -6.75
C ASP B 80 -8.82 -4.03 -5.54
N GLN B 81 -8.01 -4.95 -5.04
CA GLN B 81 -7.10 -4.68 -3.92
C GLN B 81 -5.68 -5.11 -4.29
N PRO B 82 -5.12 -4.57 -5.37
CA PRO B 82 -3.80 -5.01 -5.81
C PRO B 82 -2.72 -4.58 -4.84
N MET B 83 -1.70 -5.43 -4.75
CA MET B 83 -0.54 -5.21 -3.91
C MET B 83 0.71 -5.44 -4.75
N VAL B 84 1.71 -4.58 -4.61
CA VAL B 84 2.93 -4.70 -5.39
C VAL B 84 4.10 -4.91 -4.45
N LEU B 85 4.89 -5.98 -4.70
CA LEU B 85 6.03 -6.36 -3.86
C LEU B 85 7.27 -6.37 -4.75
N ILE B 86 8.09 -5.32 -4.66
CA ILE B 86 9.39 -5.28 -5.34
C ILE B 86 10.45 -5.62 -4.31
N ASN B 87 11.37 -6.50 -4.68
CA ASN B 87 12.38 -7.04 -3.79
C ASN B 87 11.81 -7.53 -2.45
N PRO B 88 10.74 -8.33 -2.47
CA PRO B 88 10.15 -8.79 -1.22
C PRO B 88 11.10 -9.72 -0.49
N GLU B 89 11.05 -9.66 0.83
CA GLU B 89 11.81 -10.58 1.67
C GLU B 89 10.93 -11.00 2.83
N ILE B 90 10.86 -12.32 3.08
CA ILE B 90 10.21 -12.82 4.29
C ILE B 90 11.24 -12.73 5.42
N ILE B 91 10.97 -11.87 6.41
CA ILE B 91 11.92 -11.68 7.49
C ILE B 91 11.54 -12.46 8.75
N GLU B 92 10.35 -13.05 8.79
CA GLU B 92 10.03 -14.02 9.83
C GLU B 92 8.91 -14.93 9.35
N LYS B 93 8.97 -16.20 9.77
CA LYS B 93 7.93 -17.19 9.55
C LYS B 93 7.46 -17.75 10.88
N ARG B 94 6.15 -18.00 10.99
CA ARG B 94 5.57 -18.61 12.19
C ARG B 94 4.48 -19.60 11.80
N GLY B 95 4.40 -20.68 12.56
CA GLY B 95 3.26 -21.58 12.46
C GLY B 95 3.28 -22.46 11.21
N GLU B 96 2.22 -23.25 11.11
CA GLU B 96 2.03 -24.17 10.01
C GLU B 96 0.63 -23.99 9.43
N ASP B 97 0.55 -23.99 8.11
CA ASP B 97 -0.72 -23.91 7.39
C ASP B 97 -0.54 -24.61 6.06
N GLY B 98 -1.64 -24.75 5.33
CA GLY B 98 -1.54 -25.35 4.02
C GLY B 98 -2.89 -25.52 3.38
N ILE B 99 -2.99 -25.13 2.10
CA ILE B 99 -4.22 -25.28 1.35
C ILE B 99 -3.90 -25.96 0.01
N GLU B 100 -4.97 -26.33 -0.67
CA GLU B 100 -4.88 -26.80 -2.04
C GLU B 100 -4.46 -25.63 -2.92
N GLU B 101 -3.35 -25.78 -3.64
CA GLU B 101 -2.87 -24.73 -4.51
C GLU B 101 -2.84 -25.21 -5.96
N GLY B 102 -3.15 -24.28 -6.86
CA GLY B 102 -2.81 -24.42 -8.26
C GLY B 102 -1.88 -23.29 -8.65
N CYS B 103 -1.38 -23.36 -9.87
CA CYS B 103 -0.38 -22.42 -10.35
C CYS B 103 -0.59 -22.21 -11.83
N LEU B 104 -0.58 -20.95 -12.28
CA LEU B 104 -0.70 -20.68 -13.71
C LEU B 104 0.41 -21.36 -14.49
N SER B 105 1.56 -21.59 -13.86
CA SER B 105 2.69 -22.24 -14.52
C SER B 105 2.68 -23.76 -14.37
N VAL B 106 1.71 -24.33 -13.67
CA VAL B 106 1.53 -25.79 -13.63
C VAL B 106 0.06 -26.10 -13.92
N PRO B 107 -0.42 -25.82 -15.13
CA PRO B 107 -1.86 -25.89 -15.39
C PRO B 107 -2.40 -27.30 -15.20
N GLY B 108 -3.58 -27.40 -14.58
CA GLY B 108 -4.29 -28.65 -14.46
C GLY B 108 -4.05 -29.41 -13.17
N ALA B 109 -2.99 -29.09 -12.44
CA ALA B 109 -2.62 -29.79 -11.21
C ALA B 109 -2.95 -28.94 -9.99
N ARG B 110 -3.38 -29.61 -8.93
CA ARG B 110 -3.63 -28.97 -7.65
C ARG B 110 -3.18 -29.91 -6.55
N ALA B 111 -2.59 -29.35 -5.50
CA ALA B 111 -2.12 -30.17 -4.41
C ALA B 111 -1.99 -29.33 -3.15
N LEU B 112 -2.12 -30.01 -2.02
CA LEU B 112 -1.87 -29.38 -0.72
C LEU B 112 -0.38 -29.09 -0.59
N VAL B 113 -0.05 -27.88 -0.18
CA VAL B 113 1.34 -27.47 -0.01
C VAL B 113 1.51 -27.02 1.44
N PRO B 114 2.37 -27.67 2.22
CA PRO B 114 2.62 -27.17 3.57
C PRO B 114 3.39 -25.85 3.52
N ARG B 115 2.93 -24.88 4.29
CA ARG B 115 3.50 -23.54 4.31
C ARG B 115 3.56 -23.05 5.74
N ALA B 116 4.21 -21.90 5.91
CA ALA B 116 4.12 -21.17 7.16
C ALA B 116 2.73 -20.55 7.30
N ALA B 117 2.25 -20.50 8.53
CA ALA B 117 0.94 -19.90 8.77
C ALA B 117 1.00 -18.38 8.66
N GLU B 118 2.10 -17.79 9.12
CA GLU B 118 2.23 -16.35 9.19
C GLU B 118 3.60 -15.95 8.67
N VAL B 119 3.68 -14.83 7.95
CA VAL B 119 4.96 -14.31 7.49
C VAL B 119 4.98 -12.81 7.72
N THR B 120 6.15 -12.29 8.05
CA THR B 120 6.42 -10.86 8.02
C THR B 120 7.22 -10.58 6.75
N VAL B 121 6.72 -9.66 5.92
CA VAL B 121 7.28 -9.40 4.61
C VAL B 121 7.68 -7.94 4.54
N LYS B 122 8.88 -7.67 4.04
CA LYS B 122 9.36 -6.33 3.71
C LYS B 122 9.55 -6.24 2.20
N ALA B 123 9.21 -5.09 1.61
CA ALA B 123 9.28 -4.95 0.16
C ALA B 123 9.25 -3.47 -0.19
N LEU B 124 9.43 -3.19 -1.49
CA LEU B 124 9.16 -1.87 -2.03
C LEU B 124 7.84 -1.91 -2.79
N ASP B 125 7.07 -0.82 -2.72
CA ASP B 125 5.84 -0.76 -3.50
C ASP B 125 6.16 -0.31 -4.93
N ARG B 126 5.11 -0.13 -5.73
CA ARG B 126 5.29 0.24 -7.14
C ARG B 126 6.05 1.54 -7.33
N ASN B 127 6.07 2.41 -6.33
CA ASN B 127 6.73 3.70 -6.44
C ASN B 127 8.04 3.74 -5.70
N GLY B 128 8.55 2.59 -5.28
CA GLY B 128 9.80 2.53 -4.58
C GLY B 128 9.73 2.81 -3.10
N GLN B 129 8.52 2.92 -2.53
CA GLN B 129 8.38 3.17 -1.10
C GLN B 129 8.51 1.86 -0.34
N GLU B 130 9.46 1.79 0.60
CA GLU B 130 9.62 0.61 1.45
C GLU B 130 8.41 0.44 2.36
N TYR B 131 8.02 -0.81 2.60
CA TYR B 131 6.99 -1.07 3.58
C TYR B 131 7.14 -2.50 4.08
N GLN B 132 6.39 -2.82 5.12
CA GLN B 132 6.45 -4.13 5.75
C GLN B 132 5.06 -4.48 6.27
N PHE B 133 4.74 -5.77 6.31
CA PHE B 133 3.44 -6.18 6.82
C PHE B 133 3.51 -7.60 7.34
N ASP B 134 2.63 -7.90 8.29
CA ASP B 134 2.42 -9.26 8.79
C ASP B 134 1.21 -9.86 8.06
N ALA B 135 1.41 -11.03 7.48
CA ALA B 135 0.35 -11.69 6.72
C ALA B 135 0.02 -13.03 7.34
N ASP B 136 -1.26 -13.41 7.26
CA ASP B 136 -1.70 -14.76 7.60
C ASP B 136 -2.71 -15.21 6.55
N ASP B 137 -3.22 -16.43 6.73
CA ASP B 137 -4.24 -16.98 5.86
C ASP B 137 -3.84 -16.85 4.38
N LEU B 138 -4.77 -16.45 3.52
CA LEU B 138 -4.52 -16.57 2.09
C LEU B 138 -3.38 -15.67 1.64
N LEU B 139 -3.28 -14.46 2.21
CA LEU B 139 -2.20 -13.57 1.82
C LEU B 139 -0.84 -14.21 2.12
N ALA B 140 -0.69 -14.79 3.32
CA ALA B 140 0.59 -15.40 3.68
C ALA B 140 0.93 -16.54 2.75
N ILE B 141 -0.08 -17.36 2.40
CA ILE B 141 0.17 -18.49 1.51
C ILE B 141 0.55 -18.00 0.12
N CYS B 142 -0.17 -17.00 -0.40
CA CYS B 142 0.12 -16.48 -1.73
C CYS B 142 1.51 -15.85 -1.79
N VAL B 143 1.87 -15.06 -0.77
CA VAL B 143 3.22 -14.49 -0.73
C VAL B 143 4.28 -15.57 -0.85
N GLN B 144 4.10 -16.67 -0.09
CA GLN B 144 5.09 -17.74 -0.12
C GLN B 144 5.16 -18.43 -1.47
N HIS B 145 4.00 -18.66 -2.08
CA HIS B 145 3.95 -19.25 -3.41
C HIS B 145 4.68 -18.38 -4.42
N GLU B 146 4.45 -17.07 -4.37
CA GLU B 146 5.08 -16.17 -5.36
C GLU B 146 6.57 -16.02 -5.10
N LEU B 147 6.96 -15.91 -3.83
CA LEU B 147 8.40 -15.81 -3.56
C LEU B 147 9.11 -17.09 -3.97
N ASP B 148 8.44 -18.24 -3.83
CA ASP B 148 9.02 -19.48 -4.34
C ASP B 148 9.36 -19.35 -5.83
N HIS B 149 8.42 -18.81 -6.62
CA HIS B 149 8.68 -18.60 -8.05
C HIS B 149 9.97 -17.83 -8.29
N LEU B 150 10.20 -16.77 -7.50
CA LEU B 150 11.39 -15.95 -7.68
C LEU B 150 12.66 -16.74 -7.39
N ALA B 151 12.56 -17.79 -6.59
CA ALA B 151 13.69 -18.66 -6.30
C ALA B 151 13.78 -19.84 -7.27
N GLY B 152 12.92 -19.85 -8.29
CA GLY B 152 12.90 -20.97 -9.22
C GLY B 152 12.18 -22.19 -8.68
N LYS B 153 11.30 -22.02 -7.71
CA LYS B 153 10.63 -23.13 -7.04
C LYS B 153 9.15 -23.15 -7.42
N LEU B 154 8.64 -24.34 -7.72
CA LEU B 154 7.25 -24.56 -8.08
C LEU B 154 6.58 -25.42 -7.02
N PHE B 155 5.25 -25.31 -6.91
CA PHE B 155 4.60 -26.04 -5.84
C PHE B 155 4.75 -27.55 -6.01
N VAL B 156 4.97 -28.05 -7.23
CA VAL B 156 5.18 -29.48 -7.41
C VAL B 156 6.46 -29.97 -6.73
N ASP B 157 7.38 -29.06 -6.40
CA ASP B 157 8.60 -29.47 -5.73
C ASP B 157 8.35 -29.96 -4.31
N TYR B 158 7.18 -29.66 -3.76
CA TYR B 158 6.80 -30.17 -2.45
C TYR B 158 6.16 -31.56 -2.53
N LEU B 159 5.93 -32.09 -3.72
CA LEU B 159 5.25 -33.35 -3.87
C LEU B 159 6.26 -34.49 -3.94
N SER B 160 5.75 -35.72 -3.87
CA SER B 160 6.62 -36.87 -3.99
C SER B 160 7.22 -36.91 -5.39
N PRO B 161 8.39 -37.53 -5.56
CA PRO B 161 8.94 -37.68 -6.91
C PRO B 161 7.98 -38.32 -7.90
N LEU B 162 7.30 -39.40 -7.50
CA LEU B 162 6.37 -40.08 -8.40
C LEU B 162 5.28 -39.14 -8.88
N LYS B 163 4.65 -38.42 -7.94
CA LYS B 163 3.56 -37.52 -8.31
C LYS B 163 4.05 -36.36 -9.16
N ARG B 164 5.19 -35.75 -8.78
CA ARG B 164 5.76 -34.66 -9.57
C ARG B 164 6.15 -35.12 -10.96
N ASN B 165 6.81 -36.27 -11.08
CA ASN B 165 7.25 -36.74 -12.39
C ASN B 165 6.08 -36.99 -13.31
N ARG B 166 5.00 -37.54 -12.78
CA ARG B 166 3.85 -37.82 -13.62
C ARG B 166 3.17 -36.53 -14.06
N ILE B 167 3.09 -35.53 -13.18
CA ILE B 167 2.59 -34.23 -13.61
C ILE B 167 3.48 -33.66 -14.71
N LYS B 168 4.80 -33.77 -14.53
CA LYS B 168 5.75 -33.28 -15.52
C LYS B 168 5.53 -33.96 -16.87
N GLU B 169 5.39 -35.29 -16.86
CA GLU B 169 5.28 -36.03 -18.11
C GLU B 169 4.01 -35.66 -18.85
N LYS B 170 2.93 -35.41 -18.11
CA LYS B 170 1.68 -35.02 -18.75
C LYS B 170 1.80 -33.66 -19.40
N LEU B 171 2.45 -32.71 -18.73
CA LEU B 171 2.61 -31.36 -19.26
C LEU B 171 3.66 -31.31 -20.38
N GLU B 172 4.67 -32.18 -20.35
CA GLU B 172 5.61 -32.24 -21.47
C GLU B 172 4.91 -32.56 -22.78
N LYS B 173 3.85 -33.37 -22.75
CA LYS B 173 3.14 -33.71 -23.98
C LYS B 173 2.58 -32.47 -24.66
N ILE B 174 2.17 -31.47 -23.88
CA ILE B 174 1.69 -30.22 -24.45
C ILE B 174 2.80 -29.51 -25.22
N LYS B 175 4.06 -29.72 -24.84
CA LYS B 175 5.20 -29.04 -25.44
C LYS B 175 5.98 -29.93 -26.39
N ARG B 176 5.45 -31.11 -26.71
CA ARG B 176 6.30 -32.13 -27.35
C ARG B 176 6.69 -31.79 -28.78
N PHE B 177 6.03 -30.82 -29.42
CA PHE B 177 6.38 -30.39 -30.77
C PHE B 177 7.08 -29.03 -30.80
N ASN B 178 7.45 -28.48 -29.65
CA ASN B 178 8.12 -27.20 -29.55
C ASN B 178 9.56 -27.31 -30.08
N GLU B 179 10.35 -26.26 -29.83
CA GLU B 179 11.74 -26.12 -30.30
C GLU B 179 11.81 -26.19 -31.81
NI NI C . -3.77 20.33 7.59
C5 BB2 D . -3.34 19.48 3.67
C3 BB2 D . -3.81 19.54 5.13
O4 BB2 D . -4.17 20.56 5.63
N1 BB2 D . -3.78 18.32 5.69
O2 BB2 D . -4.15 18.35 6.98
C6 BB2 D . -1.85 19.91 3.63
C12 BB2 D . -1.38 20.38 2.25
O13 BB2 D . -1.55 19.69 1.25
C7 BB2 D . -0.90 18.78 4.07
C8 BB2 D . 0.55 19.27 4.09
C9 BB2 D . 1.44 18.58 5.09
C10 BB2 D . 2.80 19.26 5.26
C11 BB2 D . 3.25 20.02 4.02
N14 BB2 D . -0.76 21.59 2.22
C15 BB2 D . -0.28 22.11 0.97
C16 BB2 D . -0.97 23.45 0.59
C18 BB2 D . -2.18 23.73 1.47
C17 BB2 D . -1.27 23.56 -0.90
C19 BB2 D . 1.21 22.37 1.11
O20 BB2 D . 1.57 23.09 2.02
N21 BB2 D . 2.02 21.78 0.21
C22 BB2 D . 3.47 21.93 0.20
C23 BB2 D . 1.60 20.89 -0.86
C24 BB2 D . 2.87 20.18 -1.29
C25 BB2 D . 3.91 20.54 -0.25
C26 BB2 D . 3.95 22.98 -0.79
O27 BB2 D . 2.96 23.97 -0.95
NI NI E . 2.35 -19.95 -9.38
C5 BB2 F . -1.31 -18.02 -9.41
C3 BB2 F . 0.13 -18.39 -9.59
O4 BB2 F . 0.51 -19.40 -10.16
N1 BB2 F . 0.99 -17.54 -9.02
O2 BB2 F . 2.31 -17.83 -9.11
C6 BB2 F . -1.83 -18.80 -8.19
C12 BB2 F . -3.35 -18.88 -8.18
O13 BB2 F . -4.06 -17.89 -8.30
C7 BB2 F . -1.40 -18.18 -6.87
C8 BB2 F . -1.87 -18.97 -5.66
C9 BB2 F . -0.97 -18.77 -4.45
C10 BB2 F . -1.24 -19.71 -3.28
C11 BB2 F . -2.68 -20.19 -3.21
N14 BB2 F . -3.86 -20.11 -8.02
C15 BB2 F . -5.28 -20.41 -7.93
C16 BB2 F . -5.79 -21.33 -9.05
C18 BB2 F . -4.85 -21.56 -10.23
C17 BB2 F . -7.19 -20.91 -9.50
C19 BB2 F . -5.41 -21.04 -6.53
O20 BB2 F . -4.71 -22.00 -6.26
N21 BB2 F . -6.29 -20.52 -5.65
C22 BB2 F . -6.41 -21.07 -4.30
C23 BB2 F . -7.17 -19.37 -5.83
C24 BB2 F . -7.59 -18.98 -4.43
C25 BB2 F . -6.68 -19.79 -3.51
C26 BB2 F . -7.57 -22.04 -4.09
O27 BB2 F . -7.26 -22.84 -2.97
#